data_8DN0
#
_entry.id   8DN0
#
_cell.length_a   114.840
_cell.length_b   65.500
_cell.length_c   74.890
_cell.angle_alpha   90.000
_cell.angle_beta   125.980
_cell.angle_gamma   90.000
#
_symmetry.space_group_name_H-M   'C 1 2 1'
#
loop_
_entity.id
_entity.type
_entity.pdbx_description
1 polymer 'Thiol:disulfide interchange protein DsbA'
2 non-polymer N-(2-fluorophenyl)-5-methyl-1,2-oxazole-3-carboxamide
3 non-polymer 1,2-ETHANEDIOL
4 non-polymer 'SODIUM ION'
5 non-polymer 'COPPER (II) ION'
6 water water
#
_entity_poly.entity_id   1
_entity_poly.type   'polypeptide(L)'
_entity_poly.pdbx_seq_one_letter_code
;AQYEDGKQYTTLEKPVAGAPQVLEFFSFFCPHCYQFEEVLHISDNVKKKLPEGVKMTKYHVNFMGGDLGKDLTQAWAVAM
ALGVEDKVTVPLFEGVQKTQTIRSASDIRDVFINAGIKGEEYDAAWNSFVVKSLVAQQEKAAADVQLRGVPAMFVNGKYQ
LNPQGMDTSNMDVFVQQYADTVKYLSEKK
;
_entity_poly.pdbx_strand_id   A,B
#
# COMPACT_ATOMS: atom_id res chain seq x y z
N ALA A 1 -4.21 22.16 -25.45
CA ALA A 1 -3.26 21.13 -25.85
C ALA A 1 -3.59 19.82 -25.17
N GLN A 2 -3.15 18.69 -25.75
CA GLN A 2 -3.43 17.39 -25.13
C GLN A 2 -2.61 17.19 -23.87
N TYR A 3 -1.36 17.67 -23.86
CA TYR A 3 -0.51 17.69 -22.67
C TYR A 3 -0.28 19.15 -22.31
N GLU A 4 -0.69 19.54 -21.10
CA GLU A 4 -0.70 20.94 -20.73
C GLU A 4 0.18 21.18 -19.51
N ASP A 5 1.07 22.18 -19.62
CA ASP A 5 1.92 22.58 -18.51
C ASP A 5 1.04 23.07 -17.37
N GLY A 6 1.23 22.50 -16.19
CA GLY A 6 0.37 22.77 -15.06
C GLY A 6 -0.72 21.75 -14.87
N LYS A 7 -0.91 20.83 -15.83
CA LYS A 7 -1.95 19.82 -15.73
C LYS A 7 -1.27 18.47 -15.56
N GLN A 8 -0.97 17.73 -16.63
CA GLN A 8 -0.36 16.41 -16.52
C GLN A 8 1.12 16.48 -16.17
N TYR A 9 1.74 17.66 -16.22
CA TYR A 9 3.12 17.83 -15.82
C TYR A 9 3.32 19.27 -15.38
N THR A 10 4.40 19.50 -14.65
CA THR A 10 4.79 20.86 -14.29
C THR A 10 6.23 21.11 -14.73
N THR A 11 6.52 22.35 -15.11
CA THR A 11 7.85 22.72 -15.58
C THR A 11 8.67 23.29 -14.41
N LEU A 12 9.79 22.66 -14.10
CA LEU A 12 10.65 23.14 -13.03
C LEU A 12 11.12 24.56 -13.31
N GLU A 13 10.98 25.42 -12.30
CA GLU A 13 11.51 26.79 -12.43
C GLU A 13 13.02 26.79 -12.55
N LYS A 14 13.71 25.85 -11.89
CA LYS A 14 15.16 25.77 -11.91
C LYS A 14 15.57 24.42 -12.48
N PRO A 15 15.74 24.31 -13.79
CA PRO A 15 16.16 23.03 -14.38
C PRO A 15 17.50 22.57 -13.81
N VAL A 16 17.73 21.28 -13.88
CA VAL A 16 18.89 20.63 -13.29
C VAL A 16 19.76 20.10 -14.42
N ALA A 17 20.89 20.76 -14.67
CA ALA A 17 21.77 20.32 -15.73
C ALA A 17 22.39 18.96 -15.38
N GLY A 18 22.69 18.17 -16.41
CA GLY A 18 23.30 16.89 -16.20
C GLY A 18 22.42 15.90 -15.45
N ALA A 19 21.20 16.31 -15.14
CA ALA A 19 20.28 15.41 -14.46
C ALA A 19 20.04 14.17 -15.32
N PRO A 20 19.72 13.04 -14.69
CA PRO A 20 19.34 11.86 -15.47
C PRO A 20 18.13 12.18 -16.32
N GLN A 21 18.03 11.50 -17.47
CA GLN A 21 16.90 11.73 -18.36
C GLN A 21 15.59 11.35 -17.69
N VAL A 22 15.57 10.25 -16.96
CA VAL A 22 14.40 9.84 -16.18
C VAL A 22 14.86 9.64 -14.74
N LEU A 23 14.30 10.41 -13.82
CA LEU A 23 14.71 10.38 -12.42
C LEU A 23 13.49 10.18 -11.54
N GLU A 24 13.46 9.07 -10.80
N GLU A 24 13.45 9.05 -10.84
CA GLU A 24 12.36 8.76 -9.90
CA GLU A 24 12.39 8.75 -9.88
C GLU A 24 12.85 8.77 -8.45
C GLU A 24 12.92 8.92 -8.46
N PHE A 25 12.02 9.30 -7.56
CA PHE A 25 12.27 9.29 -6.13
C PHE A 25 11.20 8.47 -5.45
N PHE A 26 11.59 7.70 -4.43
CA PHE A 26 10.63 6.86 -3.72
C PHE A 26 11.10 6.68 -2.27
N SER A 27 10.21 6.11 -1.45
CA SER A 27 10.59 5.58 -0.14
C SER A 27 9.97 4.20 0.05
N PHE A 28 10.70 3.31 0.73
CA PHE A 28 10.08 2.03 1.07
C PHE A 28 8.99 2.18 2.12
N PHE A 29 8.86 3.35 2.77
CA PHE A 29 7.75 3.64 3.67
C PHE A 29 6.53 4.20 2.95
N CYS A 30 6.63 4.43 1.64
CA CYS A 30 5.65 5.20 0.88
C CYS A 30 4.62 4.26 0.25
N PRO A 31 3.34 4.29 0.67
CA PRO A 31 2.34 3.35 0.12
C PRO A 31 2.12 3.47 -1.38
N HIS A 32 2.02 4.69 -1.92
CA HIS A 32 1.84 4.82 -3.36
C HIS A 32 3.05 4.31 -4.09
N CYS A 33 4.25 4.43 -3.49
CA CYS A 33 5.46 3.92 -4.13
C CYS A 33 5.40 2.39 -4.25
N TYR A 34 4.90 1.72 -3.20
CA TYR A 34 4.70 0.28 -3.24
C TYR A 34 3.77 -0.09 -4.39
N GLN A 35 2.70 0.69 -4.56
CA GLN A 35 1.77 0.44 -5.67
C GLN A 35 2.46 0.67 -7.00
N PHE A 36 3.18 1.79 -7.12
CA PHE A 36 3.87 2.10 -8.37
C PHE A 36 4.83 1.00 -8.77
N GLU A 37 5.50 0.37 -7.80
CA GLU A 37 6.47 -0.68 -8.10
C GLU A 37 5.83 -2.05 -8.35
N GLU A 38 5.18 -2.64 -7.34
CA GLU A 38 4.78 -4.04 -7.51
C GLU A 38 3.42 -4.22 -8.15
N VAL A 39 2.55 -3.20 -8.12
CA VAL A 39 1.24 -3.38 -8.74
C VAL A 39 1.20 -2.84 -10.16
N LEU A 40 1.83 -1.69 -10.40
CA LEU A 40 1.80 -0.99 -11.68
C LEU A 40 3.06 -1.17 -12.51
N HIS A 41 4.20 -1.44 -11.88
CA HIS A 41 5.48 -1.57 -12.57
C HIS A 41 5.73 -0.36 -13.47
N ILE A 42 5.61 0.82 -12.87
CA ILE A 42 5.69 2.05 -13.65
C ILE A 42 7.02 2.16 -14.37
N SER A 43 8.11 1.91 -13.65
CA SER A 43 9.44 2.07 -14.25
C SER A 43 9.59 1.18 -15.45
N ASP A 44 9.16 -0.09 -15.34
N ASP A 44 9.18 -0.09 -15.32
CA ASP A 44 9.32 -1.03 -16.44
CA ASP A 44 9.32 -1.03 -16.44
C ASP A 44 8.49 -0.62 -17.64
C ASP A 44 8.51 -0.57 -17.64
N ASN A 45 7.28 -0.08 -17.41
CA ASN A 45 6.45 0.33 -18.54
C ASN A 45 6.94 1.64 -19.14
N VAL A 46 7.46 2.55 -18.31
CA VAL A 46 8.12 3.73 -18.83
C VAL A 46 9.34 3.33 -19.65
N LYS A 47 10.14 2.38 -19.15
CA LYS A 47 11.31 1.94 -19.89
C LYS A 47 10.93 1.37 -21.26
N LYS A 48 9.85 0.59 -21.33
CA LYS A 48 9.46 -0.03 -22.59
C LYS A 48 9.05 1.02 -23.63
N LYS A 49 8.58 2.18 -23.19
CA LYS A 49 8.17 3.22 -24.12
C LYS A 49 9.30 4.18 -24.49
N LEU A 50 10.45 4.10 -23.82
CA LEU A 50 11.55 5.02 -24.15
C LEU A 50 12.59 4.34 -25.03
N PRO A 51 13.38 5.12 -25.77
CA PRO A 51 14.42 4.53 -26.64
C PRO A 51 15.35 3.57 -25.91
N GLU A 52 15.95 2.65 -26.66
CA GLU A 52 16.85 1.67 -26.06
C GLU A 52 17.99 2.37 -25.34
N GLY A 53 18.24 1.96 -24.10
CA GLY A 53 19.41 2.40 -23.37
C GLY A 53 19.33 3.77 -22.73
N VAL A 54 18.17 4.43 -22.77
CA VAL A 54 18.06 5.72 -22.10
C VAL A 54 18.34 5.55 -20.61
N LYS A 55 18.79 6.63 -19.98
CA LYS A 55 19.21 6.62 -18.59
C LYS A 55 17.98 6.79 -17.70
N MET A 56 17.65 5.76 -16.94
CA MET A 56 16.63 5.86 -15.90
C MET A 56 17.29 5.67 -14.54
N THR A 57 17.00 6.56 -13.62
CA THR A 57 17.63 6.59 -12.31
C THR A 57 16.52 6.59 -11.26
N LYS A 58 16.73 5.82 -10.19
CA LYS A 58 15.77 5.73 -9.12
C LYS A 58 16.47 5.89 -7.79
N TYR A 59 16.06 6.90 -7.00
CA TYR A 59 16.71 7.23 -5.74
C TYR A 59 15.74 7.17 -4.56
N HIS A 60 16.27 6.75 -3.40
CA HIS A 60 15.50 6.72 -2.16
C HIS A 60 15.64 8.05 -1.43
N VAL A 61 14.68 8.35 -0.54
CA VAL A 61 14.62 9.60 0.20
C VAL A 61 14.69 9.37 1.70
N ASN A 62 15.10 10.42 2.42
CA ASN A 62 15.25 10.31 3.87
C ASN A 62 14.04 10.80 4.64
N PHE A 63 13.12 11.54 4.02
CA PHE A 63 12.16 12.29 4.83
C PHE A 63 10.99 11.46 5.33
N MET A 64 10.93 10.16 5.05
CA MET A 64 9.97 9.26 5.68
C MET A 64 10.67 8.21 6.53
N GLY A 65 10.11 7.94 7.70
CA GLY A 65 10.57 6.82 8.50
C GLY A 65 11.77 7.07 9.37
N GLY A 66 12.14 8.33 9.58
CA GLY A 66 13.12 8.64 10.61
C GLY A 66 14.44 7.91 10.40
N ASP A 67 14.94 7.31 11.48
CA ASP A 67 16.26 6.67 11.44
C ASP A 67 16.27 5.53 10.41
N LEU A 68 15.23 4.67 10.42
CA LEU A 68 15.23 3.55 9.50
C LEU A 68 15.07 4.03 8.06
N GLY A 69 14.36 5.14 7.84
CA GLY A 69 14.30 5.70 6.50
C GLY A 69 15.67 6.05 5.95
N LYS A 70 16.53 6.63 6.80
CA LYS A 70 17.88 6.98 6.36
C LYS A 70 18.75 5.72 6.20
N ASP A 71 18.57 4.70 7.04
CA ASP A 71 19.22 3.40 6.79
C ASP A 71 18.80 2.83 5.43
N LEU A 72 17.54 3.03 5.04
CA LEU A 72 17.11 2.47 3.76
C LEU A 72 17.72 3.23 2.58
N THR A 73 17.97 4.54 2.71
CA THR A 73 18.68 5.26 1.66
C THR A 73 20.08 4.70 1.49
N GLN A 74 20.76 4.38 2.60
CA GLN A 74 22.08 3.77 2.49
C GLN A 74 22.01 2.34 1.93
N ALA A 75 20.98 1.57 2.32
CA ALA A 75 20.80 0.24 1.75
C ALA A 75 20.49 0.30 0.26
N TRP A 76 19.71 1.30 -0.16
CA TRP A 76 19.49 1.45 -1.58
C TRP A 76 20.78 1.80 -2.32
N ALA A 77 21.67 2.57 -1.69
CA ALA A 77 22.99 2.82 -2.27
C ALA A 77 23.77 1.50 -2.44
N VAL A 78 23.71 0.61 -1.43
CA VAL A 78 24.30 -0.73 -1.58
C VAL A 78 23.67 -1.46 -2.76
N ALA A 79 22.33 -1.40 -2.85
CA ALA A 79 21.66 -2.09 -3.96
C ALA A 79 22.15 -1.56 -5.30
N MET A 80 22.28 -0.24 -5.43
CA MET A 80 22.77 0.32 -6.69
C MET A 80 24.21 -0.08 -6.94
N ALA A 81 25.05 0.01 -5.90
CA ALA A 81 26.46 -0.32 -6.05
C ALA A 81 26.66 -1.75 -6.52
N LEU A 82 25.86 -2.68 -5.97
CA LEU A 82 25.98 -4.10 -6.29
C LEU A 82 25.14 -4.53 -7.49
N GLY A 83 24.26 -3.67 -7.98
CA GLY A 83 23.38 -4.02 -9.08
C GLY A 83 22.32 -5.02 -8.74
N VAL A 84 21.81 -4.98 -7.51
CA VAL A 84 20.85 -5.99 -7.07
C VAL A 84 19.48 -5.38 -6.79
N GLU A 85 19.18 -4.21 -7.39
CA GLU A 85 17.88 -3.57 -7.17
C GLU A 85 16.75 -4.55 -7.41
N ASP A 86 16.80 -5.29 -8.52
CA ASP A 86 15.69 -6.16 -8.87
C ASP A 86 15.56 -7.35 -7.91
N LYS A 87 16.58 -7.63 -7.11
CA LYS A 87 16.50 -8.74 -6.17
C LYS A 87 15.93 -8.32 -4.83
N VAL A 88 16.06 -7.04 -4.46
CA VAL A 88 15.71 -6.58 -3.11
C VAL A 88 14.51 -5.65 -3.05
N THR A 89 14.01 -5.13 -4.17
CA THR A 89 12.98 -4.09 -4.06
C THR A 89 11.69 -4.65 -3.45
N VAL A 90 11.20 -5.78 -3.98
CA VAL A 90 9.96 -6.36 -3.45
C VAL A 90 10.14 -6.78 -1.99
N PRO A 91 11.18 -7.51 -1.62
CA PRO A 91 11.30 -7.88 -0.20
C PRO A 91 11.47 -6.69 0.73
N LEU A 92 12.12 -5.60 0.28
CA LEU A 92 12.21 -4.40 1.12
C LEU A 92 10.84 -3.74 1.31
N PHE A 93 10.07 -3.57 0.23
CA PHE A 93 8.69 -3.09 0.39
C PHE A 93 7.87 -4.00 1.32
N GLU A 94 7.95 -5.32 1.11
CA GLU A 94 7.16 -6.21 1.97
C GLU A 94 7.62 -6.13 3.43
N GLY A 95 8.94 -6.09 3.65
CA GLY A 95 9.46 -6.03 5.01
C GLY A 95 9.04 -4.78 5.75
N VAL A 96 8.99 -3.63 5.06
CA VAL A 96 8.57 -2.38 5.70
C VAL A 96 7.05 -2.31 5.84
N GLN A 97 6.30 -2.60 4.76
CA GLN A 97 4.88 -2.30 4.71
C GLN A 97 3.96 -3.50 4.91
N LYS A 98 4.38 -4.70 4.51
CA LYS A 98 3.47 -5.84 4.61
C LYS A 98 3.64 -6.58 5.93
N THR A 99 4.83 -7.12 6.18
CA THR A 99 5.08 -7.86 7.40
C THR A 99 5.55 -6.98 8.55
N GLN A 100 6.11 -5.81 8.25
CA GLN A 100 6.67 -4.92 9.26
C GLN A 100 7.77 -5.63 10.05
N THR A 101 8.49 -6.52 9.38
CA THR A 101 9.63 -7.19 10.00
C THR A 101 10.92 -6.38 9.92
N ILE A 102 10.94 -5.29 9.14
CA ILE A 102 12.14 -4.48 9.04
C ILE A 102 12.02 -3.39 10.10
N ARG A 103 12.76 -3.56 11.19
CA ARG A 103 12.77 -2.62 12.29
C ARG A 103 14.13 -2.02 12.57
N SER A 104 15.20 -2.56 11.98
CA SER A 104 16.57 -2.16 12.29
C SER A 104 17.44 -2.30 11.05
N ALA A 105 18.65 -1.74 11.12
CA ALA A 105 19.59 -1.94 10.02
C ALA A 105 19.90 -3.42 9.82
N SER A 106 19.97 -4.19 10.91
CA SER A 106 20.24 -5.61 10.76
C SER A 106 19.12 -6.31 10.02
N ASP A 107 17.86 -5.89 10.21
CA ASP A 107 16.76 -6.51 9.48
C ASP A 107 16.84 -6.20 7.98
N ILE A 108 17.30 -4.99 7.62
CA ILE A 108 17.52 -4.67 6.21
C ILE A 108 18.58 -5.59 5.63
N ARG A 109 19.68 -5.74 6.35
CA ARG A 109 20.74 -6.64 5.93
C ARG A 109 20.19 -8.05 5.69
N ASP A 110 19.32 -8.53 6.59
CA ASP A 110 18.77 -9.88 6.43
C ASP A 110 18.09 -10.04 5.07
N VAL A 111 17.37 -9.02 4.62
CA VAL A 111 16.71 -9.09 3.32
C VAL A 111 17.73 -9.31 2.22
N PHE A 112 18.86 -8.59 2.27
CA PHE A 112 19.88 -8.75 1.24
C PHE A 112 20.49 -10.14 1.30
N ILE A 113 20.76 -10.65 2.51
CA ILE A 113 21.36 -11.96 2.61
C ILE A 113 20.39 -13.03 2.12
N ASN A 114 19.10 -12.90 2.46
CA ASN A 114 18.12 -13.86 1.94
C ASN A 114 18.04 -13.82 0.42
N ALA A 115 18.24 -12.64 -0.18
CA ALA A 115 18.20 -12.50 -1.63
C ALA A 115 19.49 -12.99 -2.31
N GLY A 116 20.48 -13.46 -1.56
CA GLY A 116 21.67 -14.05 -2.14
C GLY A 116 22.92 -13.21 -2.08
N ILE A 117 22.85 -11.99 -1.55
CA ILE A 117 24.06 -11.19 -1.36
C ILE A 117 24.79 -11.75 -0.14
N LYS A 118 26.05 -12.12 -0.32
CA LYS A 118 26.80 -12.65 0.80
C LYS A 118 27.00 -11.59 1.88
N GLY A 119 27.02 -12.03 3.14
CA GLY A 119 27.17 -11.08 4.24
C GLY A 119 28.42 -10.23 4.14
N GLU A 120 29.55 -10.85 3.81
CA GLU A 120 30.79 -10.10 3.69
C GLU A 120 30.69 -9.05 2.59
N GLU A 121 30.04 -9.41 1.47
CA GLU A 121 29.86 -8.47 0.37
C GLU A 121 28.93 -7.32 0.76
N TYR A 122 27.84 -7.64 1.47
CA TYR A 122 26.95 -6.58 1.92
C TYR A 122 27.67 -5.63 2.85
N ASP A 123 28.43 -6.18 3.80
CA ASP A 123 29.06 -5.34 4.81
C ASP A 123 30.15 -4.48 4.21
N ALA A 124 30.93 -5.03 3.28
CA ALA A 124 31.95 -4.24 2.62
C ALA A 124 31.31 -3.08 1.86
N ALA A 125 30.22 -3.35 1.15
CA ALA A 125 29.53 -2.30 0.42
C ALA A 125 28.95 -1.26 1.37
N TRP A 126 28.26 -1.72 2.42
CA TRP A 126 27.63 -0.79 3.36
C TRP A 126 28.63 0.21 3.91
N ASN A 127 29.84 -0.23 4.20
CA ASN A 127 30.87 0.60 4.80
C ASN A 127 31.74 1.32 3.78
N SER A 128 31.46 1.18 2.49
CA SER A 128 32.37 1.69 1.46
C SER A 128 32.09 3.15 1.16
N PHE A 129 33.13 3.84 0.69
CA PHE A 129 32.98 5.23 0.29
C PHE A 129 32.34 5.35 -1.08
N VAL A 130 32.40 4.32 -1.92
CA VAL A 130 31.54 4.30 -3.10
C VAL A 130 30.08 4.45 -2.70
N VAL A 131 29.66 3.75 -1.62
CA VAL A 131 28.28 3.84 -1.16
C VAL A 131 28.02 5.19 -0.51
N LYS A 132 28.97 5.73 0.26
CA LYS A 132 28.79 7.09 0.79
C LYS A 132 28.56 8.10 -0.35
N SER A 133 29.23 7.92 -1.48
CA SER A 133 29.07 8.86 -2.58
C SER A 133 27.70 8.70 -3.21
N LEU A 134 27.22 7.45 -3.31
CA LEU A 134 25.86 7.22 -3.81
C LEU A 134 24.81 7.79 -2.85
N VAL A 135 25.05 7.70 -1.55
CA VAL A 135 24.13 8.34 -0.61
C VAL A 135 24.09 9.85 -0.85
N ALA A 136 25.28 10.46 -0.99
CA ALA A 136 25.35 11.91 -1.27
C ALA A 136 24.66 12.26 -2.58
N GLN A 137 24.84 11.45 -3.63
CA GLN A 137 24.14 11.70 -4.89
C GLN A 137 22.62 11.69 -4.71
N GLN A 138 22.10 10.75 -3.91
CA GLN A 138 20.65 10.68 -3.70
C GLN A 138 20.14 11.89 -2.96
N GLU A 139 20.83 12.30 -1.90
CA GLU A 139 20.46 13.53 -1.19
C GLU A 139 20.54 14.76 -2.09
N LYS A 140 21.62 14.87 -2.87
CA LYS A 140 21.76 16.08 -3.66
C LYS A 140 20.69 16.16 -4.73
N ALA A 141 20.33 15.04 -5.33
CA ALA A 141 19.31 15.10 -6.38
C ALA A 141 17.99 15.57 -5.81
N ALA A 142 17.62 15.05 -4.63
CA ALA A 142 16.37 15.49 -4.01
C ALA A 142 16.43 16.98 -3.69
N ALA A 143 17.57 17.46 -3.22
CA ALA A 143 17.72 18.89 -2.92
C ALA A 143 17.62 19.72 -4.19
N ASP A 144 18.18 19.22 -5.30
CA ASP A 144 18.16 19.96 -6.57
C ASP A 144 16.75 20.25 -7.04
N VAL A 145 15.85 19.26 -7.00
CA VAL A 145 14.50 19.43 -7.51
C VAL A 145 13.57 19.92 -6.41
N GLN A 146 14.14 20.25 -5.25
CA GLN A 146 13.38 20.69 -4.08
C GLN A 146 12.18 19.77 -3.82
N LEU A 147 12.49 18.57 -3.31
CA LEU A 147 11.53 17.47 -3.22
C LEU A 147 10.85 17.40 -1.85
N ARG A 148 9.52 17.34 -1.85
CA ARG A 148 8.75 17.21 -0.61
C ARG A 148 7.78 16.03 -0.59
N GLY A 149 7.62 15.32 -1.68
CA GLY A 149 6.72 14.19 -1.68
C GLY A 149 7.20 13.12 -2.64
N VAL A 150 6.82 11.88 -2.34
CA VAL A 150 7.04 10.74 -3.21
C VAL A 150 5.73 9.99 -3.36
N PRO A 151 5.56 9.20 -4.42
CA PRO A 151 6.52 9.03 -5.52
C PRO A 151 6.61 10.31 -6.35
N ALA A 152 7.73 10.47 -7.06
CA ALA A 152 7.91 11.63 -7.90
C ALA A 152 8.77 11.23 -9.09
N MET A 153 8.45 11.79 -10.25
CA MET A 153 9.26 11.55 -11.44
C MET A 153 9.56 12.84 -12.16
N PHE A 154 10.83 13.00 -12.55
CA PHE A 154 11.35 14.16 -13.24
C PHE A 154 12.01 13.73 -14.54
N VAL A 155 11.74 14.48 -15.62
CA VAL A 155 12.23 14.13 -16.96
C VAL A 155 13.20 15.19 -17.44
N ASN A 156 14.38 14.74 -17.89
CA ASN A 156 15.45 15.62 -18.39
C ASN A 156 15.72 16.78 -17.44
N GLY A 157 15.52 16.55 -16.16
CA GLY A 157 15.73 17.56 -15.14
C GLY A 157 14.89 18.80 -15.28
N LYS A 158 13.78 18.75 -16.03
CA LYS A 158 13.05 19.95 -16.37
C LYS A 158 11.55 19.86 -16.08
N TYR A 159 10.99 18.65 -16.10
CA TYR A 159 9.55 18.48 -15.98
C TYR A 159 9.24 17.46 -14.87
N GLN A 160 8.20 17.74 -14.10
CA GLN A 160 7.71 16.84 -13.06
C GLN A 160 6.36 16.27 -13.48
N LEU A 161 6.24 14.94 -13.45
CA LEU A 161 4.96 14.27 -13.72
C LEU A 161 3.92 14.62 -12.67
N ASN A 162 2.69 14.82 -13.13
CA ASN A 162 1.55 15.06 -12.24
C ASN A 162 0.46 14.03 -12.52
N PRO A 163 0.46 12.89 -11.82
CA PRO A 163 -0.57 11.87 -12.06
C PRO A 163 -1.91 12.16 -11.40
N GLN A 164 -2.00 13.18 -10.53
CA GLN A 164 -3.20 13.37 -9.71
C GLN A 164 -4.47 13.49 -10.54
N GLY A 165 -4.39 14.18 -11.67
CA GLY A 165 -5.60 14.34 -12.44
C GLY A 165 -5.99 13.19 -13.35
N MET A 166 -5.19 12.13 -13.40
CA MET A 166 -5.39 11.09 -14.40
C MET A 166 -6.41 10.06 -13.92
N ASP A 167 -7.17 9.52 -14.87
CA ASP A 167 -8.17 8.49 -14.60
C ASP A 167 -7.47 7.22 -14.12
N THR A 168 -7.85 6.75 -12.93
CA THR A 168 -7.26 5.55 -12.33
C THR A 168 -8.28 4.42 -12.18
N SER A 169 -9.38 4.46 -12.93
CA SER A 169 -10.37 3.38 -12.88
C SER A 169 -9.83 2.11 -13.52
N ASN A 170 -8.87 2.22 -14.43
CA ASN A 170 -8.24 1.09 -15.10
C ASN A 170 -6.74 1.24 -14.95
N MET A 171 -6.10 0.27 -14.26
CA MET A 171 -4.68 0.43 -13.94
C MET A 171 -3.81 0.39 -15.19
N ASP A 172 -4.18 -0.46 -16.16
CA ASP A 172 -3.40 -0.55 -17.40
C ASP A 172 -3.46 0.75 -18.20
N VAL A 173 -4.65 1.35 -18.26
CA VAL A 173 -4.80 2.61 -19.00
C VAL A 173 -4.04 3.73 -18.29
N PHE A 174 -4.08 3.75 -16.97
CA PHE A 174 -3.34 4.76 -16.22
C PHE A 174 -1.84 4.62 -16.47
N VAL A 175 -1.33 3.40 -16.40
CA VAL A 175 0.11 3.19 -16.59
C VAL A 175 0.50 3.62 -18.00
N GLN A 176 -0.35 3.31 -18.98
CA GLN A 176 -0.11 3.70 -20.35
C GLN A 176 -0.09 5.23 -20.51
N GLN A 177 -1.04 5.92 -19.87
CA GLN A 177 -1.02 7.38 -19.92
C GLN A 177 0.23 7.94 -19.27
N TYR A 178 0.62 7.38 -18.12
CA TYR A 178 1.83 7.82 -17.44
C TYR A 178 3.05 7.66 -18.35
N ALA A 179 3.20 6.48 -18.95
CA ALA A 179 4.38 6.21 -19.78
C ALA A 179 4.37 7.06 -21.04
N ASP A 180 3.21 7.22 -21.68
CA ASP A 180 3.15 8.06 -22.86
C ASP A 180 3.45 9.52 -22.53
N THR A 181 3.09 9.95 -21.31
CA THR A 181 3.41 11.31 -20.87
C THR A 181 4.90 11.47 -20.64
N VAL A 182 5.54 10.47 -20.03
CA VAL A 182 7.00 10.53 -19.90
C VAL A 182 7.65 10.58 -21.28
N LYS A 183 7.14 9.78 -22.22
CA LYS A 183 7.70 9.78 -23.57
C LYS A 183 7.58 11.16 -24.20
N TYR A 184 6.38 11.75 -24.11
CA TYR A 184 6.16 13.10 -24.63
C TYR A 184 7.14 14.10 -24.01
N LEU A 185 7.30 14.04 -22.69
CA LEU A 185 8.20 14.99 -22.01
C LEU A 185 9.62 14.81 -22.47
N SER A 186 10.06 13.56 -22.63
CA SER A 186 11.44 13.30 -23.03
C SER A 186 11.74 13.79 -24.43
N GLU A 187 10.72 13.93 -25.28
CA GLU A 187 10.87 14.36 -26.66
C GLU A 187 10.74 15.87 -26.83
N LYS A 188 10.49 16.61 -25.76
CA LYS A 188 10.34 18.06 -25.85
C LYS A 188 11.70 18.71 -26.10
N ALA B 1 -4.44 -2.99 36.09
CA ALA B 1 -4.84 -4.20 35.37
C ALA B 1 -4.10 -4.39 34.04
N GLN B 2 -4.58 -5.32 33.22
CA GLN B 2 -3.82 -5.76 32.06
C GLN B 2 -3.95 -4.78 30.90
N TYR B 3 -5.15 -4.31 30.60
CA TYR B 3 -5.41 -3.49 29.43
C TYR B 3 -5.57 -2.03 29.85
N GLU B 4 -4.90 -1.14 29.12
CA GLU B 4 -4.75 0.25 29.53
C GLU B 4 -5.00 1.17 28.36
N ASP B 5 -5.83 2.21 28.57
CA ASP B 5 -6.09 3.15 27.49
C ASP B 5 -4.78 3.83 27.08
N GLY B 6 -4.56 3.93 25.77
CA GLY B 6 -3.31 4.40 25.24
C GLY B 6 -2.27 3.33 24.98
N LYS B 7 -2.47 2.12 25.49
CA LYS B 7 -1.52 1.04 25.30
C LYS B 7 -2.02 0.11 24.20
N GLN B 8 -2.82 -0.89 24.57
CA GLN B 8 -3.35 -1.80 23.56
C GLN B 8 -4.48 -1.19 22.74
N TYR B 9 -5.03 -0.06 23.17
CA TYR B 9 -6.17 0.53 22.47
C TYR B 9 -6.21 2.01 22.83
N THR B 10 -6.97 2.76 22.04
CA THR B 10 -7.29 4.15 22.33
C THR B 10 -8.80 4.32 22.30
N THR B 11 -9.25 5.47 22.82
CA THR B 11 -10.66 5.76 23.01
C THR B 11 -11.06 6.93 22.13
N LEU B 12 -12.10 6.73 21.33
CA LEU B 12 -12.59 7.81 20.47
C LEU B 12 -13.16 8.93 21.31
N GLU B 13 -12.79 10.17 20.99
CA GLU B 13 -13.35 11.30 21.73
C GLU B 13 -14.84 11.49 21.43
N LYS B 14 -15.28 11.12 20.23
CA LYS B 14 -16.67 11.22 19.82
C LYS B 14 -17.17 9.84 19.43
N PRO B 15 -17.68 9.06 20.39
CA PRO B 15 -18.13 7.69 20.07
C PRO B 15 -19.23 7.68 19.01
N VAL B 16 -19.26 6.59 18.25
CA VAL B 16 -20.17 6.42 17.13
C VAL B 16 -21.40 5.64 17.61
N ALA B 17 -22.57 6.27 17.49
CA ALA B 17 -23.80 5.62 17.92
C ALA B 17 -24.21 4.51 16.95
N GLY B 18 -24.67 3.40 17.50
CA GLY B 18 -25.15 2.32 16.67
C GLY B 18 -24.12 1.65 15.80
N ALA B 19 -22.85 1.73 16.18
CA ALA B 19 -21.81 1.11 15.36
C ALA B 19 -21.80 -0.40 15.61
N PRO B 20 -21.27 -1.18 14.67
CA PRO B 20 -21.14 -2.62 14.88
C PRO B 20 -20.27 -2.92 16.09
N GLN B 21 -20.52 -4.09 16.70
N GLN B 21 -20.53 -4.08 16.71
CA GLN B 21 -19.76 -4.50 17.88
CA GLN B 21 -19.75 -4.48 17.88
C GLN B 21 -18.26 -4.55 17.60
C GLN B 21 -18.26 -4.50 17.57
N VAL B 22 -17.86 -5.22 16.52
CA VAL B 22 -16.46 -5.38 16.15
C VAL B 22 -16.37 -5.07 14.66
N LEU B 23 -15.65 -4.01 14.32
CA LEU B 23 -15.65 -3.45 12.97
C LEU B 23 -14.21 -3.31 12.48
N GLU B 24 -13.86 -4.07 11.45
CA GLU B 24 -12.59 -3.92 10.75
C GLU B 24 -12.78 -3.05 9.52
N PHE B 25 -11.76 -2.24 9.21
CA PHE B 25 -11.63 -1.55 7.92
C PHE B 25 -10.40 -2.05 7.20
N PHE B 26 -10.51 -2.26 5.88
CA PHE B 26 -9.40 -2.80 5.12
C PHE B 26 -9.52 -2.33 3.68
N SER B 27 -8.48 -2.64 2.90
CA SER B 27 -8.54 -2.46 1.45
C SER B 27 -7.83 -3.61 0.77
N PHE B 28 -8.36 -4.02 -0.38
CA PHE B 28 -7.66 -5.03 -1.18
C PHE B 28 -6.37 -4.50 -1.78
N PHE B 29 -6.12 -3.19 -1.70
CA PHE B 29 -4.84 -2.60 -2.11
C PHE B 29 -3.83 -2.56 -0.97
N CYS B 30 -4.21 -3.03 0.21
CA CYS B 30 -3.44 -2.83 1.42
C CYS B 30 -2.68 -4.11 1.78
N PRO B 31 -1.36 -4.17 1.55
CA PRO B 31 -0.63 -5.42 1.88
C PRO B 31 -0.63 -5.74 3.36
N HIS B 32 -0.58 -4.75 4.24
CA HIS B 32 -0.60 -5.05 5.67
C HIS B 32 -1.94 -5.62 6.08
N CYS B 33 -3.01 -5.24 5.39
CA CYS B 33 -4.33 -5.82 5.64
C CYS B 33 -4.31 -7.31 5.29
N TYR B 34 -3.74 -7.63 4.12
CA TYR B 34 -3.56 -9.01 3.71
C TYR B 34 -2.80 -9.80 4.78
N GLN B 35 -1.70 -9.22 5.26
CA GLN B 35 -0.92 -9.85 6.32
C GLN B 35 -1.77 -10.12 7.54
N PHE B 36 -2.51 -9.11 8.01
CA PHE B 36 -3.34 -9.27 9.21
C PHE B 36 -4.37 -10.39 9.01
N GLU B 37 -5.02 -10.39 7.85
CA GLU B 37 -6.19 -11.23 7.65
C GLU B 37 -5.82 -12.67 7.27
N GLU B 38 -4.84 -12.84 6.39
CA GLU B 38 -4.59 -14.13 5.75
C GLU B 38 -3.20 -14.72 6.01
N VAL B 39 -2.32 -14.03 6.74
CA VAL B 39 -1.05 -14.60 7.18
C VAL B 39 -1.05 -14.80 8.69
N LEU B 40 -1.33 -13.73 9.44
CA LEU B 40 -1.48 -13.81 10.89
C LEU B 40 -2.85 -14.32 11.30
N HIS B 41 -3.84 -14.26 10.41
CA HIS B 41 -5.22 -14.68 10.69
C HIS B 41 -5.77 -14.02 11.94
N ILE B 42 -5.58 -12.70 12.04
CA ILE B 42 -6.05 -12.03 13.24
C ILE B 42 -7.57 -12.13 13.37
N SER B 43 -8.31 -12.04 12.26
CA SER B 43 -9.77 -12.16 12.36
C SER B 43 -10.20 -13.51 12.94
N ASP B 44 -9.59 -14.61 12.48
N ASP B 44 -9.61 -14.60 12.45
CA ASP B 44 -9.97 -15.91 12.98
CA ASP B 44 -9.94 -15.92 12.98
C ASP B 44 -9.62 -16.07 14.46
C ASP B 44 -9.64 -15.99 14.47
N ASN B 45 -8.48 -15.51 14.88
CA ASN B 45 -8.08 -15.62 16.28
C ASN B 45 -8.91 -14.71 17.17
N VAL B 46 -9.33 -13.56 16.67
CA VAL B 46 -10.30 -12.72 17.39
C VAL B 46 -11.62 -13.46 17.55
N LYS B 47 -12.15 -13.99 16.44
CA LYS B 47 -13.44 -14.66 16.48
C LYS B 47 -13.46 -15.82 17.47
N LYS B 48 -12.37 -16.60 17.54
CA LYS B 48 -12.32 -17.74 18.44
C LYS B 48 -12.44 -17.33 19.90
N LYS B 49 -12.15 -16.07 20.22
CA LYS B 49 -12.16 -15.59 21.59
C LYS B 49 -13.29 -14.62 21.89
N LEU B 50 -14.12 -14.31 20.90
CA LEU B 50 -15.19 -13.35 21.11
C LEU B 50 -16.30 -13.99 21.96
N PRO B 51 -16.93 -13.20 22.84
CA PRO B 51 -18.02 -13.75 23.65
C PRO B 51 -19.14 -14.24 22.76
N GLU B 52 -20.08 -14.94 23.40
CA GLU B 52 -21.28 -15.40 22.70
C GLU B 52 -22.08 -14.22 22.18
N GLY B 53 -22.55 -14.34 20.94
CA GLY B 53 -23.42 -13.33 20.36
C GLY B 53 -22.73 -12.10 19.81
N VAL B 54 -21.42 -12.14 19.64
CA VAL B 54 -20.66 -11.01 19.11
C VAL B 54 -20.28 -11.31 17.67
N LYS B 55 -20.74 -10.45 16.76
CA LYS B 55 -20.51 -10.58 15.33
C LYS B 55 -19.31 -9.74 14.91
N MET B 56 -18.61 -10.20 13.89
CA MET B 56 -17.50 -9.44 13.32
C MET B 56 -17.94 -8.82 12.00
N THR B 57 -17.69 -7.53 11.85
CA THR B 57 -18.06 -6.78 10.67
C THR B 57 -16.79 -6.26 10.00
N LYS B 58 -16.73 -6.35 8.67
CA LYS B 58 -15.54 -5.93 7.93
C LYS B 58 -15.97 -5.07 6.76
N TYR B 59 -15.45 -3.84 6.71
CA TYR B 59 -15.79 -2.90 5.65
C TYR B 59 -14.55 -2.54 4.83
N HIS B 60 -14.76 -2.37 3.54
CA HIS B 60 -13.73 -1.91 2.63
C HIS B 60 -13.73 -0.38 2.58
N VAL B 61 -12.58 0.20 2.23
CA VAL B 61 -12.43 1.65 2.13
C VAL B 61 -12.06 2.07 0.71
N ASN B 62 -12.36 3.33 0.39
CA ASN B 62 -12.13 3.85 -0.96
C ASN B 62 -10.73 4.42 -1.17
N PHE B 63 -9.99 4.77 -0.11
CA PHE B 63 -8.91 5.73 -0.28
C PHE B 63 -7.57 5.10 -0.68
N MET B 64 -7.51 3.80 -0.94
CA MET B 64 -6.35 3.20 -1.60
C MET B 64 -6.74 2.71 -3.00
N GLY B 65 -5.83 2.85 -3.95
CA GLY B 65 -6.05 2.30 -5.27
C GLY B 65 -6.78 3.20 -6.25
N GLY B 66 -6.86 4.50 -5.98
CA GLY B 66 -7.57 5.39 -6.88
C GLY B 66 -9.03 5.03 -7.06
N ASP B 67 -9.55 5.28 -8.27
N ASP B 67 -9.54 5.27 -8.27
CA ASP B 67 -10.95 5.00 -8.56
CA ASP B 67 -10.94 5.00 -8.58
C ASP B 67 -11.26 3.50 -8.53
C ASP B 67 -11.26 3.51 -8.56
N LEU B 68 -10.27 2.65 -8.81
CA LEU B 68 -10.53 1.23 -8.71
C LEU B 68 -10.82 0.84 -7.27
N GLY B 69 -10.27 1.59 -6.31
CA GLY B 69 -10.57 1.34 -4.90
C GLY B 69 -12.05 1.41 -4.61
N LYS B 70 -12.73 2.43 -5.18
CA LYS B 70 -14.17 2.55 -5.03
C LYS B 70 -14.89 1.33 -5.60
N ASP B 71 -14.45 0.84 -6.77
CA ASP B 71 -15.10 -0.35 -7.32
C ASP B 71 -14.92 -1.57 -6.42
N LEU B 72 -13.75 -1.71 -5.78
CA LEU B 72 -13.57 -2.78 -4.81
C LEU B 72 -14.45 -2.62 -3.58
N THR B 73 -14.74 -1.40 -3.13
CA THR B 73 -15.71 -1.25 -2.05
C THR B 73 -17.08 -1.76 -2.48
N GLN B 74 -17.48 -1.47 -3.72
CA GLN B 74 -18.78 -1.93 -4.20
C GLN B 74 -18.75 -3.46 -4.40
N ALA B 75 -17.62 -3.99 -4.89
CA ALA B 75 -17.48 -5.44 -4.98
C ALA B 75 -17.55 -6.11 -3.61
N TRP B 76 -16.93 -5.52 -2.59
CA TRP B 76 -17.03 -6.09 -1.25
C TRP B 76 -18.47 -6.10 -0.76
N ALA B 77 -19.22 -5.03 -1.06
CA ALA B 77 -20.64 -5.00 -0.76
C ALA B 77 -21.35 -6.16 -1.44
N VAL B 78 -21.01 -6.44 -2.70
CA VAL B 78 -21.59 -7.60 -3.39
C VAL B 78 -21.22 -8.88 -2.64
N ALA B 79 -19.95 -9.01 -2.25
CA ALA B 79 -19.53 -10.20 -1.51
C ALA B 79 -20.33 -10.37 -0.21
N MET B 80 -20.54 -9.28 0.53
CA MET B 80 -21.35 -9.35 1.74
C MET B 80 -22.79 -9.71 1.40
N ALA B 81 -23.35 -9.06 0.37
CA ALA B 81 -24.75 -9.30 0.01
C ALA B 81 -24.99 -10.76 -0.40
N LEU B 82 -24.03 -11.36 -1.11
CA LEU B 82 -24.16 -12.74 -1.59
C LEU B 82 -23.65 -13.76 -0.59
N GLY B 83 -22.94 -13.33 0.45
CA GLY B 83 -22.37 -14.25 1.42
C GLY B 83 -21.22 -15.09 0.89
N VAL B 84 -20.35 -14.50 0.07
CA VAL B 84 -19.24 -15.21 -0.54
C VAL B 84 -17.89 -14.62 -0.14
N GLU B 85 -17.84 -13.92 1.00
CA GLU B 85 -16.59 -13.29 1.42
C GLU B 85 -15.42 -14.27 1.39
N ASP B 86 -15.58 -15.45 1.99
CA ASP B 86 -14.42 -16.32 2.07
C ASP B 86 -14.12 -17.04 0.76
N LYS B 87 -14.93 -16.82 -0.28
CA LYS B 87 -14.64 -17.32 -1.62
C LYS B 87 -13.86 -16.33 -2.48
N VAL B 88 -13.94 -15.02 -2.18
CA VAL B 88 -13.32 -14.01 -3.04
C VAL B 88 -12.21 -13.22 -2.36
N THR B 89 -12.04 -13.32 -1.04
CA THR B 89 -11.07 -12.49 -0.34
C THR B 89 -9.64 -12.74 -0.82
N VAL B 90 -9.17 -13.99 -0.74
CA VAL B 90 -7.80 -14.24 -1.15
C VAL B 90 -7.66 -14.00 -2.66
N PRO B 91 -8.59 -14.49 -3.49
CA PRO B 91 -8.47 -14.19 -4.93
C PRO B 91 -8.39 -12.70 -5.26
N LEU B 92 -9.13 -11.86 -4.53
CA LEU B 92 -9.05 -10.42 -4.77
C LEU B 92 -7.71 -9.84 -4.32
N PHE B 93 -7.25 -10.20 -3.12
CA PHE B 93 -5.91 -9.80 -2.68
C PHE B 93 -4.83 -10.23 -3.67
N GLU B 94 -4.81 -11.52 -4.02
CA GLU B 94 -3.77 -12.01 -4.93
C GLU B 94 -3.86 -11.34 -6.29
N GLY B 95 -5.09 -11.20 -6.80
CA GLY B 95 -5.29 -10.58 -8.10
C GLY B 95 -4.84 -9.13 -8.15
N VAL B 96 -5.07 -8.37 -7.08
CA VAL B 96 -4.64 -6.98 -7.05
C VAL B 96 -3.12 -6.89 -6.85
N GLN B 97 -2.58 -7.61 -5.86
CA GLN B 97 -1.24 -7.34 -5.35
C GLN B 97 -0.15 -8.23 -5.94
N LYS B 98 -0.45 -9.47 -6.28
CA LYS B 98 0.59 -10.46 -6.58
C LYS B 98 0.59 -10.91 -8.03
N THR B 99 -0.54 -11.35 -8.56
CA THR B 99 -0.61 -11.80 -9.95
C THR B 99 -0.96 -10.68 -10.92
N GLN B 100 -1.37 -9.51 -10.40
CA GLN B 100 -1.68 -8.34 -11.23
C GLN B 100 -2.64 -8.69 -12.36
N THR B 101 -3.70 -9.42 -12.00
CA THR B 101 -4.79 -9.74 -12.91
C THR B 101 -6.05 -8.90 -12.66
N ILE B 102 -6.12 -8.14 -11.59
CA ILE B 102 -7.27 -7.27 -11.33
C ILE B 102 -6.83 -5.86 -11.67
N ARG B 103 -7.30 -5.35 -12.82
CA ARG B 103 -6.89 -4.06 -13.32
C ARG B 103 -8.06 -3.10 -13.51
N SER B 104 -9.30 -3.59 -13.51
CA SER B 104 -10.49 -2.77 -13.65
C SER B 104 -11.67 -3.55 -13.10
N ALA B 105 -12.83 -2.88 -13.04
CA ALA B 105 -14.01 -3.51 -12.46
C ALA B 105 -14.38 -4.82 -13.15
N SER B 106 -14.14 -4.93 -14.46
CA SER B 106 -14.49 -6.17 -15.16
C SER B 106 -13.70 -7.34 -14.61
N ASP B 107 -12.44 -7.13 -14.27
CA ASP B 107 -11.66 -8.23 -13.73
C ASP B 107 -12.18 -8.68 -12.36
N ILE B 108 -12.72 -7.76 -11.57
CA ILE B 108 -13.34 -8.13 -10.29
C ILE B 108 -14.50 -9.07 -10.52
N ARG B 109 -15.36 -8.72 -11.46
CA ARG B 109 -16.49 -9.58 -11.84
C ARG B 109 -16.04 -10.99 -12.23
N ASP B 110 -14.94 -11.10 -12.96
CA ASP B 110 -14.43 -12.42 -13.33
C ASP B 110 -14.08 -13.25 -12.10
N VAL B 111 -13.56 -12.61 -11.04
CA VAL B 111 -13.24 -13.37 -9.83
C VAL B 111 -14.50 -14.01 -9.25
N PHE B 112 -15.61 -13.27 -9.22
CA PHE B 112 -16.86 -13.84 -8.69
C PHE B 112 -17.40 -14.95 -9.59
N ILE B 113 -17.34 -14.76 -10.91
CA ILE B 113 -17.81 -15.80 -11.82
C ILE B 113 -16.95 -17.05 -11.68
N ASN B 114 -15.63 -16.89 -11.54
N ASN B 114 -15.63 -16.86 -11.56
CA ASN B 114 -14.79 -18.07 -11.43
CA ASN B 114 -14.71 -17.98 -11.40
C ASN B 114 -14.95 -18.77 -10.08
C ASN B 114 -15.00 -18.76 -10.12
N ALA B 115 -15.52 -18.10 -9.10
CA ALA B 115 -15.86 -18.73 -7.82
C ALA B 115 -17.24 -19.37 -7.84
N GLY B 116 -17.98 -19.29 -8.94
CA GLY B 116 -19.25 -19.99 -9.07
C GLY B 116 -20.50 -19.11 -9.06
N ILE B 117 -20.36 -17.81 -8.92
CA ILE B 117 -21.50 -16.88 -8.98
C ILE B 117 -21.83 -16.62 -10.44
N LYS B 118 -23.12 -16.69 -10.79
CA LYS B 118 -23.54 -16.44 -12.15
C LYS B 118 -23.36 -14.96 -12.49
N GLY B 119 -22.90 -14.70 -13.71
CA GLY B 119 -22.70 -13.31 -14.12
C GLY B 119 -23.96 -12.46 -13.96
N GLU B 120 -25.11 -12.99 -14.36
CA GLU B 120 -26.34 -12.22 -14.23
C GLU B 120 -26.67 -11.91 -12.79
N GLU B 121 -26.34 -12.80 -11.86
CA GLU B 121 -26.61 -12.59 -10.45
C GLU B 121 -25.60 -11.60 -9.87
N TYR B 122 -24.33 -11.69 -10.28
CA TYR B 122 -23.38 -10.67 -9.86
C TYR B 122 -23.86 -9.29 -10.29
N ASP B 123 -24.31 -9.18 -11.55
CA ASP B 123 -24.71 -7.88 -12.09
C ASP B 123 -25.94 -7.36 -11.35
N ALA B 124 -26.91 -8.24 -11.09
CA ALA B 124 -28.09 -7.83 -10.33
C ALA B 124 -27.69 -7.35 -8.93
N ALA B 125 -26.79 -8.07 -8.25
CA ALA B 125 -26.35 -7.62 -6.94
C ALA B 125 -25.64 -6.29 -7.04
N TRP B 126 -24.74 -6.15 -8.01
CA TRP B 126 -23.98 -4.91 -8.17
C TRP B 126 -24.90 -3.71 -8.23
N ASN B 127 -26.03 -3.83 -8.94
CA ASN B 127 -26.94 -2.72 -9.18
C ASN B 127 -28.08 -2.65 -8.18
N SER B 128 -28.03 -3.45 -7.12
CA SER B 128 -29.16 -3.61 -6.21
C SER B 128 -29.20 -2.49 -5.19
N PHE B 129 -30.40 -2.27 -4.64
CA PHE B 129 -30.55 -1.33 -3.53
C PHE B 129 -29.78 -1.80 -2.31
N VAL B 130 -29.77 -3.09 -2.02
CA VAL B 130 -28.99 -3.59 -0.88
C VAL B 130 -27.53 -3.18 -1.02
N VAL B 131 -26.95 -3.37 -2.20
CA VAL B 131 -25.53 -3.08 -2.38
C VAL B 131 -25.29 -1.56 -2.33
N LYS B 132 -26.18 -0.78 -2.95
CA LYS B 132 -26.10 0.67 -2.85
C LYS B 132 -26.07 1.09 -1.39
N SER B 133 -26.94 0.50 -0.57
N SER B 133 -26.93 0.49 -0.57
CA SER B 133 -26.99 0.85 0.84
CA SER B 133 -26.98 0.85 0.85
C SER B 133 -25.71 0.42 1.56
C SER B 133 -25.72 0.42 1.58
N LEU B 134 -25.19 -0.75 1.22
CA LEU B 134 -23.98 -1.23 1.88
C LEU B 134 -22.77 -0.36 1.54
N VAL B 135 -22.68 0.13 0.29
CA VAL B 135 -21.60 1.06 -0.03
C VAL B 135 -21.71 2.31 0.83
N ALA B 136 -22.90 2.91 0.88
CA ALA B 136 -23.11 4.09 1.72
C ALA B 136 -22.79 3.78 3.19
N GLN B 137 -23.18 2.60 3.67
CA GLN B 137 -22.89 2.25 5.06
C GLN B 137 -21.40 2.17 5.33
N GLN B 138 -20.65 1.55 4.41
CA GLN B 138 -19.20 1.43 4.58
C GLN B 138 -18.55 2.81 4.58
N GLU B 139 -18.97 3.69 3.65
CA GLU B 139 -18.41 5.03 3.59
C GLU B 139 -18.76 5.84 4.84
N LYS B 140 -20.00 5.75 5.32
CA LYS B 140 -20.37 6.53 6.50
C LYS B 140 -19.63 6.03 7.74
N ALA B 141 -19.45 4.73 7.86
CA ALA B 141 -18.76 4.20 9.03
C ALA B 141 -17.33 4.73 9.10
N ALA B 142 -16.65 4.83 7.96
CA ALA B 142 -15.29 5.39 7.94
C ALA B 142 -15.30 6.86 8.32
N ALA B 143 -16.24 7.64 7.79
CA ALA B 143 -16.34 9.05 8.16
C ALA B 143 -16.66 9.21 9.64
N ASP B 144 -17.48 8.33 10.19
CA ASP B 144 -17.89 8.46 11.59
C ASP B 144 -16.71 8.35 12.55
N VAL B 145 -15.72 7.50 12.24
CA VAL B 145 -14.53 7.38 13.08
C VAL B 145 -13.37 8.21 12.56
N GLN B 146 -13.62 9.08 11.58
CA GLN B 146 -12.59 9.90 10.96
C GLN B 146 -11.40 9.02 10.56
N LEU B 147 -11.70 7.92 9.89
CA LEU B 147 -10.70 6.93 9.53
C LEU B 147 -9.60 7.56 8.69
N ARG B 148 -8.36 7.24 9.02
CA ARG B 148 -7.21 7.78 8.31
C ARG B 148 -6.30 6.73 7.71
N GLY B 149 -6.47 5.45 8.05
CA GLY B 149 -5.65 4.42 7.48
C GLY B 149 -6.21 3.07 7.80
N VAL B 150 -5.79 2.09 7.01
CA VAL B 150 -6.12 0.69 7.21
C VAL B 150 -4.82 -0.11 7.26
N PRO B 151 -4.84 -1.30 7.88
CA PRO B 151 -5.95 -1.92 8.62
C PRO B 151 -6.28 -1.16 9.90
N ALA B 152 -7.52 -1.31 10.35
CA ALA B 152 -7.96 -0.72 11.61
C ALA B 152 -9.13 -1.52 12.14
N MET B 153 -9.32 -1.50 13.47
CA MET B 153 -10.46 -2.14 14.11
C MET B 153 -11.01 -1.26 15.22
N PHE B 154 -12.34 -1.18 15.29
CA PHE B 154 -13.04 -0.41 16.30
C PHE B 154 -14.03 -1.32 17.00
N VAL B 155 -14.16 -1.15 18.32
CA VAL B 155 -15.07 -1.95 19.13
C VAL B 155 -16.17 -1.05 19.68
N ASN B 156 -17.42 -1.41 19.37
CA ASN B 156 -18.60 -0.69 19.85
C ASN B 156 -18.54 0.80 19.54
N GLY B 157 -17.89 1.15 18.43
CA GLY B 157 -17.76 2.54 18.03
C GLY B 157 -17.14 3.43 19.09
N LYS B 158 -16.40 2.82 20.02
CA LYS B 158 -15.82 3.55 21.15
C LYS B 158 -14.31 3.39 21.27
N TYR B 159 -13.76 2.23 20.93
CA TYR B 159 -12.37 1.92 21.19
C TYR B 159 -11.70 1.49 19.90
N GLN B 160 -10.49 2.00 19.68
CA GLN B 160 -9.71 1.71 18.49
C GLN B 160 -8.53 0.84 18.89
N LEU B 161 -8.39 -0.32 18.26
CA LEU B 161 -7.25 -1.18 18.57
C LEU B 161 -5.95 -0.47 18.21
N ASN B 162 -4.92 -0.71 19.02
CA ASN B 162 -3.63 -0.04 18.86
C ASN B 162 -2.52 -1.07 18.80
N PRO B 163 -2.38 -1.78 17.68
CA PRO B 163 -1.29 -2.78 17.60
C PRO B 163 0.09 -2.18 17.76
N GLN B 164 0.28 -0.90 17.44
CA GLN B 164 1.58 -0.27 17.64
C GLN B 164 1.94 -0.22 19.11
N GLY B 165 0.95 -0.29 20.01
CA GLY B 165 1.23 -0.35 21.42
C GLY B 165 1.35 -1.75 21.98
N MET B 166 1.29 -2.77 21.12
CA MET B 166 1.37 -4.15 21.56
C MET B 166 2.79 -4.68 21.38
N ASP B 167 3.02 -5.90 21.83
CA ASP B 167 4.34 -6.51 21.78
C ASP B 167 4.47 -7.32 20.50
N THR B 168 5.29 -6.84 19.57
CA THR B 168 5.44 -7.46 18.25
C THR B 168 6.68 -8.33 18.12
N SER B 169 7.38 -8.63 19.23
CA SER B 169 8.60 -9.41 19.11
C SER B 169 8.34 -10.87 18.74
N ASN B 170 7.15 -11.38 19.05
CA ASN B 170 6.77 -12.76 18.75
C ASN B 170 5.36 -12.70 18.16
N MET B 171 5.23 -13.08 16.88
CA MET B 171 3.96 -12.86 16.19
C MET B 171 2.84 -13.69 16.79
N ASP B 172 3.12 -14.95 17.15
CA ASP B 172 2.07 -15.76 17.79
C ASP B 172 1.56 -15.11 19.07
N VAL B 173 2.47 -14.56 19.90
CA VAL B 173 2.04 -13.90 21.12
C VAL B 173 1.32 -12.59 20.80
N PHE B 174 1.80 -11.85 19.79
CA PHE B 174 1.12 -10.64 19.35
C PHE B 174 -0.31 -10.94 18.92
N VAL B 175 -0.51 -12.00 18.14
CA VAL B 175 -1.84 -12.31 17.63
C VAL B 175 -2.81 -12.58 18.78
N GLN B 176 -2.36 -13.35 19.80
CA GLN B 176 -3.24 -13.58 20.94
C GLN B 176 -3.42 -12.33 21.79
N GLN B 177 -2.39 -11.47 21.87
CA GLN B 177 -2.57 -10.22 22.58
C GLN B 177 -3.63 -9.36 21.91
N TYR B 178 -3.59 -9.30 20.57
CA TYR B 178 -4.61 -8.56 19.83
C TYR B 178 -5.98 -9.15 20.11
N ALA B 179 -6.12 -10.48 19.98
CA ALA B 179 -7.41 -11.11 20.19
C ALA B 179 -7.90 -10.95 21.63
N ASP B 180 -6.99 -11.06 22.62
CA ASP B 180 -7.39 -10.87 24.00
C ASP B 180 -7.83 -9.43 24.28
N THR B 181 -7.18 -8.46 23.61
CA THR B 181 -7.62 -7.06 23.73
C THR B 181 -9.03 -6.90 23.21
N VAL B 182 -9.33 -7.46 22.03
CA VAL B 182 -10.67 -7.31 21.49
C VAL B 182 -11.70 -7.92 22.44
N LYS B 183 -11.39 -9.09 23.01
CA LYS B 183 -12.30 -9.71 23.97
C LYS B 183 -12.56 -8.79 25.15
N TYR B 184 -11.48 -8.24 25.72
CA TYR B 184 -11.60 -7.30 26.83
C TYR B 184 -12.51 -6.13 26.48
N LEU B 185 -12.29 -5.53 25.31
CA LEU B 185 -13.05 -4.34 24.92
C LEU B 185 -14.51 -4.67 24.61
N SER B 186 -14.78 -5.88 24.11
N SER B 186 -14.79 -5.87 24.12
CA SER B 186 -16.17 -6.26 23.89
CA SER B 186 -16.17 -6.26 23.88
C SER B 186 -16.93 -6.39 25.20
C SER B 186 -16.94 -6.42 25.19
N GLU B 187 -16.25 -6.82 26.27
CA GLU B 187 -16.87 -6.98 27.57
C GLU B 187 -16.98 -5.66 28.33
N LYS B 188 -16.28 -4.63 27.89
CA LYS B 188 -16.16 -3.36 28.61
C LYS B 188 -17.45 -2.55 28.57
#